data_4J3M
#
_entry.id   4J3M
#
_cell.length_a   89.531
_cell.length_b   99.275
_cell.length_c   114.652
_cell.angle_alpha   90.000
_cell.angle_beta   90.000
_cell.angle_gamma   90.000
#
_symmetry.space_group_name_H-M   'C 2 2 21'
#
loop_
_entity.id
_entity.type
_entity.pdbx_description
1 polymer Tankyrase-2
2 non-polymer 'ZINC ION'
3 non-polymer 'SULFATE ION'
4 non-polymer '3-chloro-4-(4-methyl-2-oxo-1,2-dihydroquinolin-7-yl)benzoic acid'
5 non-polymer GLYCEROL
6 water water
#
_entity_poly.entity_id   1
_entity_poly.type   'polypeptide(L)'
_entity_poly.pdbx_seq_one_letter_code
;GTILIDLSPDDKEFQSVEEEMQSTVREHRDGGHAGGIFNRYNILKIQKVCNKKLWERYTHRRKEVSEENHNHANERMLFH
GSPFVNAIIHKGFDERHAYIGGMFGAGIYFAENSSKSNQYVYGIGGGTGCPVHKDRSCYICHRQLLFCRVTLGKSFLQFS
AMKMAHSPPGHHSVTGRPSVNGLALAEYVIYRGEQAYPEYLITYQIMRPE
;
_entity_poly.pdbx_strand_id   A,B
#
loop_
_chem_comp.id
_chem_comp.type
_chem_comp.name
_chem_comp.formula
AJ8 non-polymer '3-chloro-4-(4-methyl-2-oxo-1,2-dihydroquinolin-7-yl)benzoic acid' 'C17 H12 Cl N O3'
GOL non-polymer GLYCEROL 'C3 H8 O3'
SO4 non-polymer 'SULFATE ION' 'O4 S -2'
ZN non-polymer 'ZINC ION' 'Zn 2'
#
# COMPACT_ATOMS: atom_id res chain seq x y z
N GLY A 1 -17.22 20.10 -27.00
CA GLY A 1 -16.59 20.13 -28.32
C GLY A 1 -15.50 19.10 -28.41
N THR A 2 -15.62 17.94 -27.72
CA THR A 2 -14.60 16.91 -27.97
C THR A 2 -14.91 16.07 -29.22
N ILE A 3 -13.90 15.85 -30.04
CA ILE A 3 -14.01 14.88 -31.06
C ILE A 3 -12.92 13.78 -30.89
N LEU A 4 -13.30 12.54 -31.17
CA LEU A 4 -12.36 11.42 -31.13
C LEU A 4 -11.92 11.05 -32.52
N ILE A 5 -10.61 11.04 -32.76
CA ILE A 5 -10.08 10.57 -34.05
C ILE A 5 -9.40 9.22 -33.93
N ASP A 6 -9.90 8.23 -34.69
CA ASP A 6 -9.35 6.85 -34.68
C ASP A 6 -8.01 6.81 -35.30
N LEU A 7 -7.00 6.19 -34.66
CA LEU A 7 -5.69 6.00 -35.28
C LEU A 7 -5.67 4.71 -35.97
N SER A 8 -4.98 4.63 -37.11
CA SER A 8 -4.85 3.37 -37.81
C SER A 8 -3.77 2.55 -37.10
N PRO A 9 -3.94 1.21 -37.00
CA PRO A 9 -2.91 0.35 -36.42
C PRO A 9 -1.60 0.45 -37.17
N ASP A 10 -1.68 0.91 -38.42
CA ASP A 10 -0.51 1.11 -39.25
C ASP A 10 0.23 2.41 -38.99
N ASP A 11 -0.37 3.31 -38.21
CA ASP A 11 0.21 4.61 -37.95
C ASP A 11 1.29 4.47 -36.86
N LYS A 12 2.39 5.20 -36.99
CA LYS A 12 3.50 5.08 -35.95
C LYS A 12 2.98 5.60 -34.57
N GLU A 13 2.06 6.54 -34.58
CA GLU A 13 1.49 7.03 -33.32
C GLU A 13 0.67 5.98 -32.57
N PHE A 14 -0.09 5.19 -33.33
CA PHE A 14 -0.79 4.03 -32.76
C PHE A 14 0.23 3.08 -32.16
N GLN A 15 1.27 2.80 -32.93
CA GLN A 15 2.21 1.76 -32.51
C GLN A 15 3.02 2.21 -31.28
N SER A 16 3.35 3.51 -31.19
CA SER A 16 4.15 3.90 -30.00
C SER A 16 3.26 3.91 -28.77
N VAL A 17 1.97 4.25 -28.90
CA VAL A 17 1.09 4.30 -27.75
C VAL A 17 0.83 2.87 -27.33
N GLU A 18 0.57 1.98 -28.30
CA GLU A 18 0.38 0.56 -27.93
C GLU A 18 1.63 0.00 -27.26
N GLU A 19 2.79 0.41 -27.70
CA GLU A 19 3.97 -0.19 -27.04
C GLU A 19 4.12 0.33 -25.57
N GLU A 20 3.86 1.59 -25.34
CA GLU A 20 3.83 2.07 -23.92
C GLU A 20 2.80 1.30 -23.03
N MET A 21 1.58 1.05 -23.51
CA MET A 21 0.62 0.24 -22.77
C MET A 21 1.16 -1.16 -22.48
N GLN A 22 1.62 -1.85 -23.52
CA GLN A 22 2.07 -3.24 -23.37
C GLN A 22 3.36 -3.38 -22.51
N SER A 23 4.31 -2.48 -22.73
CA SER A 23 5.63 -2.65 -22.08
C SER A 23 5.62 -2.21 -20.64
N THR A 24 4.52 -1.62 -20.19
CA THR A 24 4.49 -1.20 -18.78
C THR A 24 3.50 -2.01 -17.95
N VAL A 25 3.12 -3.18 -18.46
CA VAL A 25 2.33 -4.14 -17.69
C VAL A 25 3.28 -4.73 -16.60
N ARG A 26 2.87 -4.86 -15.35
CA ARG A 26 3.72 -5.64 -14.41
C ARG A 26 2.79 -6.58 -13.63
N GLU A 27 3.36 -7.47 -12.81
CA GLU A 27 2.52 -8.25 -11.83
C GLU A 27 2.20 -7.37 -10.66
N HIS A 28 1.03 -7.60 -10.08
CA HIS A 28 0.61 -6.82 -8.95
C HIS A 28 0.57 -7.71 -7.73
N ARG A 29 0.77 -7.11 -6.56
CA ARG A 29 0.84 -7.86 -5.27
C ARG A 29 -0.48 -8.42 -4.81
N ASP A 30 -1.58 -7.93 -5.40
CA ASP A 30 -2.90 -8.52 -5.17
C ASP A 30 -3.22 -9.78 -5.95
N GLY A 31 -2.23 -10.32 -6.61
CA GLY A 31 -2.46 -11.53 -7.44
C GLY A 31 -3.47 -11.38 -8.61
N GLY A 32 -3.77 -10.14 -8.97
CA GLY A 32 -4.87 -9.88 -9.94
C GLY A 32 -6.23 -9.56 -9.37
N HIS A 33 -6.35 -9.48 -8.06
CA HIS A 33 -7.66 -9.25 -7.52
C HIS A 33 -8.40 -8.05 -8.17
N ALA A 34 -7.69 -6.93 -8.23
CA ALA A 34 -8.39 -5.70 -8.63
C ALA A 34 -8.51 -5.60 -10.13
N GLY A 35 -7.47 -5.96 -10.87
CA GLY A 35 -7.43 -5.66 -12.34
C GLY A 35 -7.52 -6.86 -13.23
N GLY A 36 -7.46 -8.05 -12.64
CA GLY A 36 -7.45 -9.32 -13.41
C GLY A 36 -6.10 -9.91 -13.62
N ILE A 37 -6.09 -11.13 -14.11
CA ILE A 37 -4.81 -11.85 -14.29
C ILE A 37 -4.44 -11.78 -15.75
N PHE A 38 -3.29 -11.19 -16.09
CA PHE A 38 -2.89 -11.08 -17.50
C PHE A 38 -1.48 -10.58 -17.58
N ASN A 39 -0.82 -10.81 -18.71
CA ASN A 39 0.47 -10.27 -18.96
C ASN A 39 0.50 -9.28 -20.11
N ARG A 40 -0.58 -9.22 -20.88
CA ARG A 40 -0.61 -8.30 -22.06
C ARG A 40 -2.03 -8.01 -22.43
N TYR A 41 -2.23 -7.03 -23.31
CA TYR A 41 -3.59 -6.63 -23.64
C TYR A 41 -3.85 -6.97 -25.11
N ASN A 42 -5.13 -7.07 -25.48
CA ASN A 42 -5.51 -7.03 -26.88
C ASN A 42 -6.00 -5.58 -27.10
N ILE A 43 -5.30 -4.78 -27.89
CA ILE A 43 -5.70 -3.37 -28.06
C ILE A 43 -6.72 -3.39 -29.21
N LEU A 44 -7.89 -2.81 -28.98
CA LEU A 44 -8.99 -2.78 -29.94
C LEU A 44 -9.00 -1.45 -30.73
N LYS A 45 -8.61 -0.36 -30.09
CA LYS A 45 -8.69 0.93 -30.73
C LYS A 45 -7.87 1.93 -29.93
N ILE A 46 -7.31 2.92 -30.65
CA ILE A 46 -6.68 4.08 -29.95
C ILE A 46 -7.20 5.31 -30.66
N GLN A 47 -7.88 6.17 -29.91
CA GLN A 47 -8.39 7.41 -30.40
C GLN A 47 -7.66 8.60 -29.80
N LYS A 48 -7.33 9.57 -30.64
CA LYS A 48 -6.86 10.90 -30.19
C LYS A 48 -8.02 11.74 -29.74
N VAL A 49 -7.89 12.35 -28.55
CA VAL A 49 -9.02 13.08 -27.97
C VAL A 49 -8.72 14.55 -28.29
N CYS A 50 -9.63 15.23 -29.02
CA CYS A 50 -9.36 16.62 -29.48
CA CYS A 50 -9.36 16.59 -29.50
C CYS A 50 -10.43 17.53 -28.97
N ASN A 51 -10.04 18.45 -28.10
CA ASN A 51 -10.99 19.42 -27.53
C ASN A 51 -10.21 20.74 -27.38
N LYS A 52 -10.48 21.72 -28.23
CA LYS A 52 -9.66 22.98 -28.21
C LYS A 52 -9.71 23.69 -26.86
N LYS A 53 -10.88 23.76 -26.24
CA LYS A 53 -11.01 24.43 -24.97
C LYS A 53 -10.23 23.72 -23.87
N LEU A 54 -10.32 22.39 -23.83
CA LEU A 54 -9.61 21.65 -22.79
C LEU A 54 -8.08 21.74 -22.99
N TRP A 55 -7.65 21.74 -24.24
CA TRP A 55 -6.26 21.81 -24.58
C TRP A 55 -5.70 23.18 -24.15
N GLU A 56 -6.42 24.26 -24.49
CA GLU A 56 -5.97 25.61 -24.02
C GLU A 56 -5.95 25.79 -22.51
N ARG A 57 -6.95 25.23 -21.82
CA ARG A 57 -6.92 25.18 -20.37
C ARG A 57 -5.63 24.48 -19.85
N TYR A 58 -5.27 23.37 -20.50
CA TYR A 58 -4.05 22.61 -20.11
C TYR A 58 -2.79 23.46 -20.43
N THR A 59 -2.67 24.02 -21.64
CA THR A 59 -1.46 24.79 -21.97
C THR A 59 -1.37 26.08 -21.15
N HIS A 60 -2.50 26.63 -20.69
CA HIS A 60 -2.45 27.83 -19.90
C HIS A 60 -1.85 27.50 -18.50
N ARG A 61 -2.30 26.41 -17.91
CA ARG A 61 -1.75 25.98 -16.63
C ARG A 61 -0.30 25.56 -16.78
N ARG A 62 0.05 24.87 -17.85
CA ARG A 62 1.38 24.40 -18.08
C ARG A 62 2.36 25.63 -18.13
N LYS A 63 1.91 26.77 -18.70
CA LYS A 63 2.82 27.88 -18.83
C LYS A 63 2.98 28.49 -17.48
N GLU A 64 1.92 28.50 -16.65
CA GLU A 64 2.06 29.08 -15.31
C GLU A 64 3.03 28.22 -14.46
N VAL A 65 2.88 26.91 -14.51
CA VAL A 65 3.79 26.00 -13.77
C VAL A 65 5.24 26.16 -14.27
N SER A 66 5.40 26.23 -15.58
CA SER A 66 6.71 26.22 -16.15
C SER A 66 7.42 27.55 -15.70
N GLU A 67 6.68 28.65 -15.68
CA GLU A 67 7.22 29.94 -15.19
C GLU A 67 7.54 29.94 -13.71
N GLU A 68 6.84 29.15 -12.91
CA GLU A 68 7.19 29.01 -11.52
C GLU A 68 8.37 28.01 -11.34
N ASN A 69 8.88 27.37 -12.42
CA ASN A 69 9.76 26.20 -12.22
C ASN A 69 10.87 26.32 -13.21
N HIS A 70 11.50 27.52 -13.27
CA HIS A 70 12.61 27.75 -14.25
C HIS A 70 12.38 27.26 -15.65
N ASN A 71 11.22 27.60 -16.21
CA ASN A 71 10.87 27.26 -17.57
C ASN A 71 10.81 25.77 -17.84
N HIS A 72 10.43 24.98 -16.82
CA HIS A 72 10.43 23.51 -16.98
C HIS A 72 9.06 23.01 -16.51
N ALA A 73 8.19 22.66 -17.45
CA ALA A 73 6.86 22.11 -17.04
C ALA A 73 6.98 20.70 -16.39
N ASN A 74 8.05 19.98 -16.69
CA ASN A 74 8.25 18.61 -16.24
C ASN A 74 7.05 17.77 -16.70
N GLU A 75 6.80 17.77 -18.03
CA GLU A 75 5.61 17.12 -18.56
C GLU A 75 5.86 15.63 -18.83
N ARG A 76 4.94 14.77 -18.42
CA ARG A 76 5.05 13.37 -18.65
C ARG A 76 3.82 12.82 -19.41
N MET A 77 3.92 11.62 -19.97
CA MET A 77 2.73 10.93 -20.54
C MET A 77 2.45 9.77 -19.58
N LEU A 78 1.24 9.73 -19.00
CA LEU A 78 0.99 8.73 -17.94
C LEU A 78 -0.42 8.20 -18.12
N PHE A 79 -0.66 7.01 -17.57
CA PHE A 79 -2.00 6.39 -17.68
C PHE A 79 -2.96 6.78 -16.57
N HIS A 80 -4.28 6.72 -16.87
CA HIS A 80 -5.25 7.02 -15.85
C HIS A 80 -6.43 6.10 -16.25
N GLY A 81 -6.84 5.29 -15.30
CA GLY A 81 -8.06 4.48 -15.43
C GLY A 81 -9.13 4.88 -14.45
N SER A 82 -10.41 4.90 -14.90
CA SER A 82 -11.45 5.35 -13.98
C SER A 82 -12.82 5.04 -14.62
N PRO A 83 -13.89 4.86 -13.81
CA PRO A 83 -15.22 4.72 -14.43
C PRO A 83 -15.63 6.07 -15.00
N PHE A 84 -14.88 7.14 -14.74
CA PHE A 84 -15.32 8.48 -15.23
C PHE A 84 -14.67 8.88 -16.57
N VAL A 85 -14.09 7.91 -17.28
CA VAL A 85 -13.28 8.19 -18.48
C VAL A 85 -14.12 8.93 -19.56
N ASN A 86 -15.41 8.56 -19.70
CA ASN A 86 -16.32 9.29 -20.63
CA ASN A 86 -16.18 9.27 -20.71
C ASN A 86 -16.58 10.72 -20.23
N ALA A 87 -16.76 10.98 -18.95
CA ALA A 87 -16.86 12.34 -18.53
C ALA A 87 -15.53 13.18 -18.62
N ILE A 88 -14.40 12.53 -18.42
CA ILE A 88 -13.16 13.25 -18.47
C ILE A 88 -12.83 13.73 -19.92
N ILE A 89 -13.09 12.92 -20.94
CA ILE A 89 -12.75 13.33 -22.29
C ILE A 89 -13.64 14.45 -22.79
N HIS A 90 -14.80 14.65 -22.16
CA HIS A 90 -15.75 15.73 -22.59
C HIS A 90 -15.60 16.95 -21.75
N LYS A 91 -15.33 16.78 -20.46
CA LYS A 91 -15.35 17.90 -19.55
C LYS A 91 -13.99 18.21 -18.83
N GLY A 92 -13.00 17.34 -19.00
CA GLY A 92 -11.67 17.57 -18.39
C GLY A 92 -11.61 16.85 -17.04
N PHE A 93 -10.40 16.71 -16.50
CA PHE A 93 -10.28 16.26 -15.12
C PHE A 93 -10.73 17.33 -14.17
N ASP A 94 -11.29 16.91 -13.07
CA ASP A 94 -11.45 17.81 -11.95
C ASP A 94 -11.48 17.18 -10.57
N GLU A 95 -11.60 18.04 -9.57
CA GLU A 95 -11.63 17.68 -8.13
C GLU A 95 -12.59 16.58 -7.82
N ARG A 96 -13.66 16.52 -8.57
CA ARG A 96 -14.59 15.49 -8.36
C ARG A 96 -13.88 14.20 -8.70
N HIS A 97 -12.80 14.23 -9.43
CA HIS A 97 -12.09 12.97 -9.62
C HIS A 97 -10.92 12.64 -8.71
N ALA A 98 -10.82 13.36 -7.58
CA ALA A 98 -9.66 13.25 -6.70
C ALA A 98 -9.90 11.91 -5.97
N TYR A 99 -8.83 11.20 -5.62
CA TYR A 99 -8.96 10.04 -4.78
C TYR A 99 -8.79 10.50 -3.34
N ILE A 100 -9.92 10.67 -2.65
CA ILE A 100 -9.84 11.20 -1.25
C ILE A 100 -8.97 10.29 -0.40
N GLY A 101 -9.12 8.97 -0.52
CA GLY A 101 -8.29 8.11 0.33
C GLY A 101 -6.94 7.69 -0.17
N GLY A 102 -6.42 8.39 -1.19
CA GLY A 102 -5.17 8.03 -1.82
C GLY A 102 -4.01 8.15 -0.80
N MET A 103 -3.05 7.25 -0.90
CA MET A 103 -1.91 7.18 -0.03
C MET A 103 -0.98 8.39 -0.13
N PHE A 104 -1.06 9.13 -1.25
CA PHE A 104 -0.11 10.18 -1.47
C PHE A 104 -0.86 11.47 -1.45
N GLY A 105 -2.06 11.49 -0.84
CA GLY A 105 -2.84 12.70 -0.75
C GLY A 105 -4.16 12.65 -1.51
N ALA A 106 -5.05 13.59 -1.20
CA ALA A 106 -6.27 13.73 -1.93
C ALA A 106 -6.16 14.45 -3.29
N GLY A 107 -5.80 13.75 -4.35
CA GLY A 107 -5.57 14.46 -5.63
C GLY A 107 -5.99 13.50 -6.70
N ILE A 108 -5.61 13.81 -7.93
CA ILE A 108 -5.96 12.95 -9.06
C ILE A 108 -4.72 12.13 -9.40
N TYR A 109 -4.88 10.80 -9.52
CA TYR A 109 -3.73 9.92 -9.63
C TYR A 109 -3.48 9.47 -11.06
N PHE A 110 -2.19 9.37 -11.41
CA PHE A 110 -1.76 8.85 -12.73
C PHE A 110 -0.70 7.81 -12.50
N ALA A 111 -0.54 6.88 -13.43
CA ALA A 111 0.44 5.83 -13.24
C ALA A 111 1.38 5.66 -14.37
N GLU A 112 2.64 5.35 -14.09
CA GLU A 112 3.54 4.89 -15.16
C GLU A 112 3.20 3.47 -15.68
N ASN A 113 2.77 2.58 -14.79
CA ASN A 113 2.42 1.24 -15.24
C ASN A 113 0.98 1.26 -15.75
N SER A 114 0.79 0.84 -17.01
CA SER A 114 -0.62 0.79 -17.50
C SER A 114 -1.48 -0.22 -16.64
N SER A 115 -0.86 -1.22 -16.13
CA SER A 115 -1.59 -2.27 -15.40
C SER A 115 -2.00 -1.76 -14.01
N LYS A 116 -1.29 -0.71 -13.46
CA LYS A 116 -1.74 -0.05 -12.22
C LYS A 116 -3.07 0.68 -12.60
N SER A 117 -3.07 1.42 -13.72
CA SER A 117 -4.31 2.17 -14.06
C SER A 117 -5.47 1.22 -14.39
N ASN A 118 -5.10 0.04 -14.93
CA ASN A 118 -6.13 -1.00 -15.26
C ASN A 118 -6.87 -1.47 -14.00
N GLN A 119 -6.18 -1.46 -12.86
CA GLN A 119 -6.82 -1.83 -11.62
C GLN A 119 -7.95 -0.94 -11.24
N TYR A 120 -8.04 0.26 -11.81
CA TYR A 120 -9.08 1.23 -11.44
C TYR A 120 -10.16 1.49 -12.46
N VAL A 121 -10.10 0.83 -13.61
CA VAL A 121 -11.06 1.08 -14.66
C VAL A 121 -12.49 0.86 -14.15
N TYR A 122 -12.68 -0.16 -13.31
CA TYR A 122 -14.02 -0.48 -12.76
C TYR A 122 -14.18 0.07 -11.36
N GLY A 123 -13.25 0.92 -10.87
CA GLY A 123 -13.52 1.65 -9.63
C GLY A 123 -12.37 1.37 -8.68
N ILE A 124 -12.42 1.98 -7.49
CA ILE A 124 -11.36 1.77 -6.51
C ILE A 124 -11.34 0.26 -6.17
N GLY A 125 -10.16 -0.37 -6.12
CA GLY A 125 -10.09 -1.78 -5.81
C GLY A 125 -10.62 -2.64 -6.97
N GLY A 126 -10.94 -2.03 -8.12
CA GLY A 126 -11.58 -2.79 -9.26
C GLY A 126 -13.11 -2.85 -9.10
N GLY A 127 -13.59 -2.20 -8.05
CA GLY A 127 -15.09 -2.10 -7.76
C GLY A 127 -15.67 -3.51 -7.75
N THR A 128 -16.79 -3.71 -8.42
CA THR A 128 -17.38 -5.07 -8.57
C THR A 128 -17.03 -5.67 -9.95
N GLY A 129 -16.02 -5.14 -10.63
CA GLY A 129 -15.63 -5.63 -11.94
C GLY A 129 -16.52 -5.12 -13.05
N CYS A 130 -16.47 -5.77 -14.20
CA CYS A 130 -17.21 -5.28 -15.34
C CYS A 130 -18.69 -5.17 -15.04
N PRO A 131 -19.39 -4.25 -15.71
CA PRO A 131 -20.83 -4.14 -15.42
C PRO A 131 -21.60 -5.35 -15.91
N VAL A 132 -21.14 -5.98 -16.99
CA VAL A 132 -21.89 -7.12 -17.55
C VAL A 132 -21.80 -8.40 -16.71
N HIS A 133 -20.59 -8.74 -16.29
CA HIS A 133 -20.39 -10.01 -15.68
C HIS A 133 -20.03 -9.87 -14.22
N LYS A 134 -19.87 -8.65 -13.70
CA LYS A 134 -19.27 -8.41 -12.35
C LYS A 134 -17.98 -9.19 -12.16
N ASP A 135 -17.09 -9.13 -13.14
CA ASP A 135 -15.88 -9.92 -13.03
C ASP A 135 -14.70 -8.97 -13.17
N ARG A 136 -13.85 -8.87 -12.14
CA ARG A 136 -12.72 -7.94 -12.21
C ARG A 136 -11.66 -8.45 -13.17
N SER A 137 -11.68 -9.76 -13.47
CA SER A 137 -10.75 -10.31 -14.44
C SER A 137 -11.47 -10.68 -15.73
N CYS A 138 -12.51 -9.95 -16.08
CA CYS A 138 -13.25 -10.23 -17.32
C CYS A 138 -12.31 -10.12 -18.55
N TYR A 139 -12.33 -11.19 -19.38
CA TYR A 139 -11.59 -11.18 -20.64
C TYR A 139 -12.43 -10.85 -21.87
N ILE A 140 -13.69 -10.60 -21.67
CA ILE A 140 -14.60 -10.36 -22.75
C ILE A 140 -14.87 -8.85 -22.90
N CYS A 141 -15.09 -8.19 -21.76
CA CYS A 141 -15.65 -6.82 -21.84
C CYS A 141 -14.48 -5.91 -22.21
N HIS A 142 -14.84 -4.84 -22.90
CA HIS A 142 -13.89 -3.92 -23.45
C HIS A 142 -13.64 -2.88 -22.37
N ARG A 143 -12.39 -2.61 -22.04
CA ARG A 143 -12.08 -1.63 -21.00
C ARG A 143 -11.51 -0.41 -21.73
N GLN A 144 -11.42 0.71 -21.05
CA GLN A 144 -10.80 1.91 -21.60
C GLN A 144 -9.83 2.55 -20.61
N LEU A 145 -8.70 3.08 -21.07
CA LEU A 145 -7.72 3.80 -20.21
C LEU A 145 -7.47 5.08 -20.96
N LEU A 146 -7.05 6.13 -20.25
CA LEU A 146 -6.54 7.31 -20.91
C LEU A 146 -5.04 7.35 -20.85
N PHE A 147 -4.35 7.81 -21.92
CA PHE A 147 -2.92 8.06 -21.81
C PHE A 147 -2.84 9.58 -21.90
N CYS A 148 -2.32 10.23 -20.84
CA CYS A 148 -2.55 11.63 -20.63
C CYS A 148 -1.27 12.40 -20.60
N ARG A 149 -1.30 13.64 -21.06
CA ARG A 149 -0.16 14.57 -20.89
C ARG A 149 -0.36 15.26 -19.51
N VAL A 150 0.67 15.22 -18.65
CA VAL A 150 0.51 15.67 -17.24
C VAL A 150 1.71 16.55 -16.91
N THR A 151 1.39 17.69 -16.39
CA THR A 151 2.38 18.66 -15.97
C THR A 151 2.65 18.40 -14.47
N LEU A 152 3.89 18.04 -14.13
CA LEU A 152 4.26 17.73 -12.73
C LEU A 152 4.90 18.96 -12.11
N GLY A 153 5.54 19.80 -12.94
CA GLY A 153 6.24 20.98 -12.34
C GLY A 153 7.25 20.49 -11.28
N LYS A 154 7.35 21.20 -10.16
CA LYS A 154 8.23 20.78 -9.06
C LYS A 154 7.52 19.72 -8.26
N SER A 155 7.99 18.48 -8.31
CA SER A 155 7.21 17.42 -7.72
C SER A 155 7.81 17.05 -6.34
N PHE A 156 6.99 16.96 -5.32
CA PHE A 156 7.44 16.39 -4.01
C PHE A 156 7.65 14.91 -4.03
N LEU A 157 8.84 14.43 -3.64
CA LEU A 157 9.19 13.02 -3.78
C LEU A 157 8.84 12.30 -2.51
N GLN A 158 7.83 11.44 -2.58
CA GLN A 158 7.37 10.68 -1.42
C GLN A 158 7.79 9.22 -1.60
N PHE A 159 8.61 8.69 -0.67
CA PHE A 159 8.95 7.25 -0.75
C PHE A 159 7.83 6.48 -0.09
N SER A 160 7.47 5.35 -0.70
CA SER A 160 6.27 4.63 -0.22
C SER A 160 6.66 3.20 -0.10
N ALA A 161 6.04 2.50 0.85
CA ALA A 161 6.49 1.17 1.23
C ALA A 161 5.96 -0.03 0.37
N MET A 162 5.32 0.28 -0.78
CA MET A 162 4.81 -0.74 -1.74
C MET A 162 5.89 -1.31 -2.69
N ALA A 165 -7.26 18.30 -1.83
CA ALA A 165 -6.29 19.05 -1.02
C ALA A 165 -5.35 19.84 -1.92
N HIS A 166 -4.31 20.42 -1.33
CA HIS A 166 -3.27 21.14 -2.09
C HIS A 166 -1.95 20.35 -2.11
N SER A 167 -1.09 20.64 -3.09
CA SER A 167 0.20 19.96 -3.21
C SER A 167 1.04 20.48 -2.06
N PRO A 168 2.08 19.71 -1.65
CA PRO A 168 2.94 20.24 -0.57
C PRO A 168 3.35 21.70 -0.92
N PRO A 169 3.33 22.65 0.06
CA PRO A 169 3.86 23.99 -0.22
C PRO A 169 5.12 24.03 -1.17
N GLY A 170 5.05 24.91 -2.19
CA GLY A 170 6.12 25.10 -3.15
C GLY A 170 6.22 23.92 -4.12
N HIS A 171 5.19 23.09 -4.23
CA HIS A 171 5.25 21.95 -5.17
C HIS A 171 4.01 21.95 -6.10
N HIS A 172 4.12 21.38 -7.30
CA HIS A 172 2.99 21.36 -8.18
C HIS A 172 2.35 19.96 -8.28
N SER A 173 2.95 18.97 -7.65
CA SER A 173 2.48 17.57 -7.72
C SER A 173 3.22 16.77 -6.67
N VAL A 174 2.86 15.48 -6.57
CA VAL A 174 3.54 14.49 -5.74
C VAL A 174 3.94 13.32 -6.57
N THR A 175 5.17 12.81 -6.38
CA THR A 175 5.73 11.60 -6.99
C THR A 175 5.74 10.49 -5.97
N GLY A 176 5.00 9.40 -6.27
CA GLY A 176 4.84 8.30 -5.36
C GLY A 176 5.88 7.27 -5.77
N ARG A 177 7.01 7.29 -5.08
CA ARG A 177 8.02 6.35 -5.51
C ARG A 177 7.96 5.02 -4.75
N PRO A 178 7.83 3.87 -5.44
CA PRO A 178 7.76 2.59 -4.69
C PRO A 178 9.13 2.30 -4.07
N SER A 179 9.19 1.69 -2.91
CA SER A 179 10.51 1.49 -2.31
C SER A 179 10.71 -0.01 -2.15
N VAL A 180 9.60 -0.72 -1.93
CA VAL A 180 9.60 -2.18 -1.63
C VAL A 180 9.55 -3.08 -2.90
N ASN A 181 8.63 -2.79 -3.83
CA ASN A 181 8.65 -3.51 -5.10
C ASN A 181 9.49 -2.73 -6.11
N GLY A 182 10.71 -3.25 -6.32
CA GLY A 182 11.66 -2.64 -7.25
C GLY A 182 11.23 -2.81 -8.68
N LEU A 183 10.16 -3.61 -8.87
CA LEU A 183 9.47 -3.69 -10.19
C LEU A 183 8.37 -2.66 -10.51
N ALA A 184 7.82 -2.01 -9.47
CA ALA A 184 6.74 -1.09 -9.63
C ALA A 184 7.31 0.21 -10.15
N LEU A 185 6.57 0.84 -11.09
CA LEU A 185 7.00 2.16 -11.53
C LEU A 185 6.31 3.16 -10.70
N ALA A 186 6.63 4.44 -10.90
CA ALA A 186 6.08 5.51 -10.05
C ALA A 186 4.60 5.77 -10.37
N GLU A 187 3.94 6.45 -9.41
CA GLU A 187 2.64 7.13 -9.54
C GLU A 187 2.75 8.58 -9.18
N TYR A 188 1.80 9.35 -9.64
CA TYR A 188 1.90 10.81 -9.49
C TYR A 188 0.56 11.33 -9.17
N VAL A 189 0.51 12.40 -8.44
CA VAL A 189 -0.74 12.98 -8.04
C VAL A 189 -0.67 14.46 -8.34
N ILE A 190 -1.73 14.98 -8.96
CA ILE A 190 -1.87 16.40 -9.16
C ILE A 190 -3.10 16.87 -8.42
N TYR A 191 -3.14 18.16 -8.14
CA TYR A 191 -4.23 18.71 -7.34
C TYR A 191 -5.11 19.64 -8.16
N ARG A 192 -4.76 19.92 -9.43
CA ARG A 192 -5.62 20.83 -10.20
C ARG A 192 -5.87 20.05 -11.48
N GLY A 193 -7.11 19.90 -11.87
CA GLY A 193 -7.41 19.14 -13.12
C GLY A 193 -6.84 19.69 -14.41
N GLU A 194 -6.52 20.97 -14.42
CA GLU A 194 -6.02 21.62 -15.61
C GLU A 194 -4.56 21.22 -15.83
N GLN A 195 -3.93 20.51 -14.87
CA GLN A 195 -2.58 19.95 -15.14
C GLN A 195 -2.56 18.62 -15.82
N ALA A 196 -3.72 18.16 -16.37
CA ALA A 196 -3.59 16.93 -17.20
C ALA A 196 -4.45 17.08 -18.40
N TYR A 197 -4.04 16.49 -19.50
CA TYR A 197 -4.95 16.54 -20.71
C TYR A 197 -5.06 15.08 -21.19
N PRO A 198 -6.29 14.57 -21.40
CA PRO A 198 -6.45 13.17 -21.77
C PRO A 198 -6.16 13.01 -23.26
N GLU A 199 -4.90 12.78 -23.70
CA GLU A 199 -4.57 12.86 -25.10
C GLU A 199 -5.11 11.66 -25.91
N TYR A 200 -5.01 10.44 -25.38
CA TYR A 200 -5.48 9.26 -26.10
C TYR A 200 -6.46 8.41 -25.29
N LEU A 201 -7.49 7.87 -25.96
CA LEU A 201 -8.46 6.99 -25.29
C LEU A 201 -8.16 5.61 -25.88
N ILE A 202 -7.81 4.64 -25.03
CA ILE A 202 -7.37 3.34 -25.50
C ILE A 202 -8.42 2.32 -25.05
N THR A 203 -8.93 1.57 -26.03
CA THR A 203 -9.98 0.59 -25.75
C THR A 203 -9.29 -0.78 -25.90
N TYR A 204 -9.47 -1.70 -24.94
CA TYR A 204 -8.68 -2.93 -24.97
C TYR A 204 -9.36 -4.01 -24.18
N GLN A 205 -8.89 -5.25 -24.32
CA GLN A 205 -9.26 -6.27 -23.34
C GLN A 205 -7.99 -6.75 -22.67
N ILE A 206 -8.06 -7.24 -21.43
CA ILE A 206 -6.91 -7.97 -20.93
C ILE A 206 -6.96 -9.39 -21.55
N MET A 207 -5.79 -10.01 -21.77
CA MET A 207 -5.65 -11.35 -22.35
C MET A 207 -5.41 -12.42 -21.28
N ARG A 208 -6.20 -13.49 -21.36
CA ARG A 208 -5.99 -14.65 -20.43
C ARG A 208 -4.67 -15.28 -20.72
N PRO A 209 -3.76 -15.43 -19.70
CA PRO A 209 -2.45 -15.93 -20.06
C PRO A 209 -2.55 -17.38 -20.60
N GLU A 210 -1.58 -17.77 -21.41
CA GLU A 210 -1.56 -19.13 -21.93
C GLU A 210 -0.76 -20.02 -21.03
N GLY B 1 3.77 -17.49 -2.89
CA GLY B 1 2.33 -17.75 -2.97
C GLY B 1 1.55 -16.68 -2.19
N THR B 2 2.16 -15.58 -1.75
CA THR B 2 1.42 -14.58 -0.97
C THR B 2 0.70 -13.55 -1.83
N ILE B 3 -0.56 -13.33 -1.59
CA ILE B 3 -1.26 -12.21 -2.24
C ILE B 3 -1.79 -11.24 -1.13
N LEU B 4 -1.78 -9.95 -1.44
CA LEU B 4 -2.25 -8.90 -0.52
C LEU B 4 -3.57 -8.38 -1.05
N ILE B 5 -4.58 -8.45 -0.21
CA ILE B 5 -5.88 -7.90 -0.58
C ILE B 5 -6.16 -6.64 0.21
N ASP B 6 -6.42 -5.54 -0.52
CA ASP B 6 -6.66 -4.24 0.10
C ASP B 6 -8.02 -4.19 0.77
N LEU B 7 -8.11 -3.69 2.00
CA LEU B 7 -9.43 -3.60 2.63
C LEU B 7 -9.89 -2.20 2.40
N SER B 8 -11.20 -2.01 2.18
CA SER B 8 -11.71 -0.66 1.98
C SER B 8 -11.83 0.05 3.32
N PRO B 9 -11.54 1.34 3.37
CA PRO B 9 -11.73 2.07 4.65
C PRO B 9 -13.18 2.12 5.11
N ASP B 10 -14.13 1.82 4.22
CA ASP B 10 -15.53 1.65 4.60
C ASP B 10 -15.91 0.28 5.11
N ASP B 11 -15.01 -0.69 5.04
CA ASP B 11 -15.29 -2.06 5.55
C ASP B 11 -15.10 -2.06 7.10
N LYS B 12 -15.97 -2.77 7.80
CA LYS B 12 -15.91 -2.91 9.25
C LYS B 12 -14.55 -3.54 9.65
N GLU B 13 -13.97 -4.40 8.82
CA GLU B 13 -12.73 -5.12 9.16
C GLU B 13 -11.59 -4.09 9.21
N PHE B 14 -11.50 -3.24 8.19
CA PHE B 14 -10.54 -2.10 8.15
C PHE B 14 -10.67 -1.28 9.41
N GLN B 15 -11.90 -0.96 9.73
CA GLN B 15 -12.17 -0.13 10.85
C GLN B 15 -11.78 -0.76 12.19
N SER B 16 -12.05 -2.05 12.40
CA SER B 16 -11.59 -2.66 13.71
C SER B 16 -10.10 -2.70 13.79
N VAL B 17 -9.41 -2.95 12.68
CA VAL B 17 -7.93 -3.05 12.74
C VAL B 17 -7.35 -1.67 13.02
N GLU B 18 -7.86 -0.65 12.31
CA GLU B 18 -7.41 0.71 12.59
C GLU B 18 -7.68 1.04 14.06
N GLU B 19 -8.87 0.68 14.58
CA GLU B 19 -9.16 0.97 16.01
C GLU B 19 -8.15 0.25 16.96
N GLU B 20 -7.85 -1.00 16.69
CA GLU B 20 -6.86 -1.69 17.48
C GLU B 20 -5.48 -0.96 17.45
N MET B 21 -5.05 -0.44 16.31
CA MET B 21 -3.80 0.31 16.22
C MET B 21 -3.87 1.62 17.01
N GLN B 22 -4.91 2.41 16.75
CA GLN B 22 -4.98 3.73 17.40
C GLN B 22 -5.17 3.67 18.90
N SER B 23 -6.03 2.78 19.36
CA SER B 23 -6.37 2.72 20.74
C SER B 23 -5.19 2.10 21.57
N THR B 24 -4.16 1.56 20.94
CA THR B 24 -3.06 0.98 21.76
C THR B 24 -1.73 1.77 21.63
N VAL B 25 -1.84 3.03 21.19
CA VAL B 25 -0.69 3.96 21.29
C VAL B 25 -0.53 4.38 22.75
N ARG B 26 0.69 4.41 23.25
CA ARG B 26 0.92 4.90 24.60
C ARG B 26 2.22 5.73 24.55
N GLU B 27 2.52 6.45 25.64
CA GLU B 27 3.82 7.14 25.80
C GLU B 27 4.82 6.11 26.18
N HIS B 28 6.04 6.32 25.72
CA HIS B 28 7.14 5.41 25.98
C HIS B 28 8.18 6.17 26.84
N ARG B 29 8.92 5.42 27.61
CA ARG B 29 9.86 6.00 28.62
C ARG B 29 11.04 6.61 27.96
N ASP B 30 11.27 6.28 26.71
CA ASP B 30 12.34 6.91 25.93
C ASP B 30 12.01 8.29 25.36
N GLY B 31 10.85 8.84 25.74
CA GLY B 31 10.41 10.15 25.26
C GLY B 31 10.23 10.19 23.73
N GLY B 32 10.07 9.01 23.11
CA GLY B 32 9.99 8.97 21.61
C GLY B 32 11.26 8.69 20.90
N HIS B 33 12.34 8.44 21.63
CA HIS B 33 13.60 8.17 20.95
C HIS B 33 13.56 7.10 19.84
N ALA B 34 13.11 5.88 20.12
CA ALA B 34 13.11 4.87 19.12
C ALA B 34 12.02 5.01 18.09
N GLY B 35 10.79 5.35 18.51
CA GLY B 35 9.63 5.24 17.62
C GLY B 35 9.16 6.59 17.08
N GLY B 36 9.52 7.69 17.75
CA GLY B 36 9.05 9.03 17.33
C GLY B 36 8.02 9.53 18.29
N ILE B 37 7.69 10.82 18.19
CA ILE B 37 6.79 11.44 19.13
C ILE B 37 5.43 11.56 18.44
N PHE B 38 4.39 10.99 19.04
CA PHE B 38 3.08 10.96 18.42
C PHE B 38 2.08 10.36 19.36
N ASN B 39 0.82 10.76 19.15
CA ASN B 39 -0.28 10.22 19.87
C ASN B 39 -1.22 9.32 19.03
N ARG B 40 -1.06 9.37 17.72
CA ARG B 40 -1.94 8.58 16.83
C ARG B 40 -1.28 8.48 15.49
N TYR B 41 -1.89 7.69 14.60
CA TYR B 41 -1.27 7.44 13.29
C TYR B 41 -2.21 7.98 12.19
N ASN B 42 -1.62 8.15 11.01
CA ASN B 42 -2.44 8.29 9.78
C ASN B 42 -2.38 6.91 9.06
N ILE B 43 -3.47 6.16 9.07
CA ILE B 43 -3.43 4.82 8.46
C ILE B 43 -3.63 5.08 6.95
N LEU B 44 -2.71 4.56 6.16
CA LEU B 44 -2.73 4.72 4.71
C LEU B 44 -3.35 3.53 3.98
N LYS B 45 -3.15 2.31 4.54
CA LYS B 45 -3.66 1.18 3.84
C LYS B 45 -3.71 0.05 4.83
N ILE B 46 -4.65 -0.88 4.67
CA ILE B 46 -4.62 -2.14 5.45
C ILE B 46 -4.95 -3.23 4.43
N GLN B 47 -4.02 -4.14 4.33
CA GLN B 47 -4.12 -5.28 3.44
C GLN B 47 -4.13 -6.61 4.21
N LYS B 48 -5.06 -7.49 3.80
CA LYS B 48 -5.02 -8.87 4.30
C LYS B 48 -3.93 -9.72 3.61
N VAL B 49 -3.16 -10.49 4.38
CA VAL B 49 -2.07 -11.29 3.85
C VAL B 49 -2.58 -12.70 3.65
N CYS B 50 -2.57 -13.17 2.40
CA CYS B 50 -3.14 -14.50 2.07
CA CYS B 50 -3.16 -14.48 2.07
C CYS B 50 -2.06 -15.38 1.48
N ASN B 51 -1.69 -16.47 2.17
CA ASN B 51 -0.70 -17.41 1.74
C ASN B 51 -1.14 -18.80 2.24
N LYS B 52 -1.60 -19.67 1.33
CA LYS B 52 -2.21 -20.95 1.75
C LYS B 52 -1.24 -21.82 2.47
N LYS B 53 0.00 -21.84 2.00
CA LYS B 53 1.02 -22.65 2.62
C LYS B 53 1.35 -22.15 4.06
N LEU B 54 1.61 -20.85 4.20
CA LEU B 54 1.90 -20.29 5.52
C LEU B 54 0.69 -20.50 6.47
N TRP B 55 -0.51 -20.33 5.98
CA TRP B 55 -1.69 -20.47 6.82
C TRP B 55 -1.83 -21.93 7.31
N GLU B 56 -1.52 -22.87 6.43
CA GLU B 56 -1.55 -24.29 6.85
C GLU B 56 -0.47 -24.67 7.78
N ARG B 57 0.70 -24.10 7.62
CA ARG B 57 1.71 -24.35 8.59
C ARG B 57 1.27 -23.79 9.98
N TYR B 58 0.60 -22.63 9.94
CA TYR B 58 0.14 -22.00 11.20
C TYR B 58 -0.93 -22.86 11.84
N THR B 59 -1.95 -23.26 11.10
CA THR B 59 -3.04 -23.97 11.76
C THR B 59 -2.55 -25.37 12.19
N HIS B 60 -1.61 -25.95 11.48
CA HIS B 60 -1.05 -27.22 11.93
C HIS B 60 -0.31 -27.12 13.33
N ARG B 61 0.55 -26.13 13.46
CA ARG B 61 1.19 -25.85 14.75
C ARG B 61 0.14 -25.49 15.82
N ARG B 62 -0.90 -24.74 15.45
CA ARG B 62 -1.88 -24.27 16.42
C ARG B 62 -2.61 -25.52 16.99
N LYS B 63 -2.87 -26.51 16.13
CA LYS B 63 -3.61 -27.71 16.59
C LYS B 63 -2.68 -28.50 17.51
N GLU B 64 -1.39 -28.57 17.19
CA GLU B 64 -0.46 -29.29 18.10
C GLU B 64 -0.38 -28.60 19.46
N VAL B 65 -0.21 -27.28 19.43
CA VAL B 65 -0.19 -26.52 20.70
C VAL B 65 -1.47 -26.70 21.47
N SER B 66 -2.59 -26.57 20.76
CA SER B 66 -3.87 -26.64 21.42
C SER B 66 -4.04 -28.01 22.15
N GLU B 67 -3.64 -29.08 21.45
CA GLU B 67 -3.70 -30.43 22.01
C GLU B 67 -2.76 -30.56 23.22
N GLU B 68 -1.55 -29.96 23.19
CA GLU B 68 -0.70 -29.96 24.34
C GLU B 68 -1.21 -29.10 25.48
N ASN B 69 -2.16 -28.24 25.24
CA ASN B 69 -2.62 -27.37 26.28
C ASN B 69 -4.05 -27.61 26.59
N HIS B 70 -4.50 -28.88 26.62
CA HIS B 70 -5.91 -29.29 26.87
C HIS B 70 -6.92 -28.56 26.09
N ASN B 71 -6.66 -28.54 24.78
CA ASN B 71 -7.60 -27.95 23.80
C ASN B 71 -7.75 -26.44 23.94
N HIS B 72 -6.70 -25.73 24.35
CA HIS B 72 -6.78 -24.24 24.37
C HIS B 72 -5.59 -23.70 23.59
N ALA B 73 -5.82 -23.22 22.39
CA ALA B 73 -4.71 -22.61 21.67
C ALA B 73 -4.17 -21.31 22.32
N ASN B 74 -5.05 -20.58 22.99
CA ASN B 74 -4.70 -19.27 23.62
C ASN B 74 -4.22 -18.34 22.49
N GLU B 75 -5.05 -18.19 21.47
CA GLU B 75 -4.64 -17.37 20.28
C GLU B 75 -5.00 -15.88 20.43
N ARG B 76 -4.09 -15.01 20.06
CA ARG B 76 -4.30 -13.60 20.26
C ARG B 76 -3.99 -12.88 18.96
N MET B 77 -4.46 -11.66 18.81
CA MET B 77 -3.99 -10.83 17.68
C MET B 77 -3.03 -9.79 18.32
N LEU B 78 -1.79 -9.69 17.80
CA LEU B 78 -0.73 -8.88 18.41
C LEU B 78 0.06 -8.21 17.29
N PHE B 79 0.67 -7.06 17.63
CA PHE B 79 1.46 -6.35 16.62
C PHE B 79 2.86 -6.91 16.52
N HIS B 80 3.45 -6.74 15.36
CA HIS B 80 4.89 -7.01 15.20
C HIS B 80 5.49 -5.99 14.19
N GLY B 81 6.54 -5.27 14.61
CA GLY B 81 7.19 -4.30 13.73
C GLY B 81 8.61 -4.83 13.49
N SER B 82 9.17 -4.60 12.28
CA SER B 82 10.50 -5.12 11.93
C SER B 82 10.89 -4.62 10.57
N PRO B 83 12.24 -4.49 10.30
CA PRO B 83 12.65 -4.16 8.94
C PRO B 83 12.41 -5.35 8.05
N PHE B 84 12.01 -6.50 8.58
CA PHE B 84 11.90 -7.72 7.76
C PHE B 84 10.48 -8.04 7.35
N VAL B 85 9.64 -7.02 7.47
CA VAL B 85 8.21 -7.22 7.30
C VAL B 85 7.88 -7.76 5.87
N ASN B 86 8.54 -7.23 4.85
CA ASN B 86 8.42 -7.80 3.48
CA ASN B 86 8.26 -7.80 3.55
C ASN B 86 8.81 -9.25 3.38
N ALA B 87 9.93 -9.65 4.00
CA ALA B 87 10.28 -11.08 4.02
C ALA B 87 9.27 -11.95 4.78
N ILE B 88 8.79 -11.46 5.95
CA ILE B 88 7.86 -12.26 6.73
C ILE B 88 6.57 -12.55 5.99
N ILE B 89 6.00 -11.58 5.28
CA ILE B 89 4.74 -11.89 4.56
C ILE B 89 4.86 -12.95 3.41
N HIS B 90 6.09 -13.14 2.90
CA HIS B 90 6.35 -14.12 1.83
C HIS B 90 6.82 -15.42 2.37
N LYS B 91 7.61 -15.38 3.42
CA LYS B 91 8.26 -16.58 3.87
C LYS B 91 7.86 -17.02 5.32
N GLY B 92 7.11 -16.17 6.03
CA GLY B 92 6.63 -16.53 7.43
C GLY B 92 7.68 -16.05 8.42
N PHE B 93 7.37 -16.15 9.72
CA PHE B 93 8.32 -15.76 10.75
C PHE B 93 9.33 -16.86 10.82
N ASP B 94 10.54 -16.47 11.10
CA ASP B 94 11.53 -17.48 11.22
C ASP B 94 12.45 -17.22 12.40
N GLU B 95 12.63 -18.28 13.12
CA GLU B 95 13.21 -18.27 14.44
C GLU B 95 14.69 -17.96 14.33
N ARG B 96 15.23 -18.11 13.14
CA ARG B 96 16.58 -17.76 12.90
C ARG B 96 16.79 -16.32 13.17
N HIS B 97 15.72 -15.55 13.29
CA HIS B 97 15.75 -14.13 13.46
C HIS B 97 15.14 -13.67 14.79
N ALA B 98 15.23 -14.55 15.72
CA ALA B 98 14.79 -14.40 17.13
C ALA B 98 15.52 -13.19 17.73
N TYR B 99 14.91 -12.42 18.61
CA TYR B 99 15.66 -11.36 19.23
C TYR B 99 16.59 -11.97 20.30
N ILE B 100 17.85 -12.07 19.96
CA ILE B 100 18.81 -12.74 20.83
C ILE B 100 18.91 -11.98 22.16
N GLY B 101 19.04 -10.68 22.12
CA GLY B 101 19.11 -9.97 23.39
C GLY B 101 17.80 -9.55 24.01
N GLY B 102 16.71 -10.24 23.69
CA GLY B 102 15.43 -9.75 24.19
C GLY B 102 15.41 -9.99 25.69
N MET B 103 14.68 -9.18 26.42
CA MET B 103 14.58 -9.30 27.90
C MET B 103 13.80 -10.49 28.44
N PHE B 104 12.96 -11.10 27.60
CA PHE B 104 12.24 -12.29 27.96
C PHE B 104 12.77 -13.51 27.31
N GLY B 105 14.04 -13.49 26.87
CA GLY B 105 14.62 -14.64 26.20
C GLY B 105 14.70 -14.48 24.70
N ALA B 106 15.51 -15.35 24.06
CA ALA B 106 15.72 -15.31 22.66
C ALA B 106 14.45 -15.86 22.00
N GLY B 107 13.69 -15.08 21.27
CA GLY B 107 12.54 -15.66 20.58
C GLY B 107 11.99 -14.55 19.66
N ILE B 108 10.75 -14.67 19.23
CA ILE B 108 10.16 -13.71 18.30
C ILE B 108 9.14 -12.94 19.13
N TYR B 109 9.24 -11.61 19.13
CA TYR B 109 8.48 -10.77 20.08
C TYR B 109 7.34 -10.13 19.38
N PHE B 110 6.22 -10.04 20.11
CA PHE B 110 5.00 -9.42 19.62
C PHE B 110 4.49 -8.51 20.73
N ALA B 111 3.70 -7.53 20.36
CA ALA B 111 3.26 -6.56 21.39
C ALA B 111 1.76 -6.26 21.33
N GLU B 112 1.16 -6.02 22.50
CA GLU B 112 -0.17 -5.50 22.56
C GLU B 112 -0.24 -3.98 22.17
N ASN B 113 0.80 -3.19 22.53
CA ASN B 113 0.80 -1.80 22.16
C ASN B 113 1.32 -1.66 20.74
N SER B 114 0.50 -1.10 19.82
CA SER B 114 1.01 -0.86 18.47
C SER B 114 2.25 0.05 18.54
N SER B 115 2.28 0.98 19.50
CA SER B 115 3.38 1.93 19.55
C SER B 115 4.69 1.24 20.03
N LYS B 116 4.60 0.15 20.82
CA LYS B 116 5.81 -0.68 21.15
C LYS B 116 6.35 -1.26 19.81
N SER B 117 5.49 -1.92 19.02
CA SER B 117 5.98 -2.50 17.73
C SER B 117 6.53 -1.42 16.80
N ASN B 118 5.91 -0.20 16.81
CA ASN B 118 6.43 0.97 16.02
C ASN B 118 7.91 1.33 16.32
N GLN B 119 8.35 1.08 17.59
CA GLN B 119 9.73 1.31 17.97
C GLN B 119 10.72 0.41 17.24
N TYR B 120 10.23 -0.61 16.54
CA TYR B 120 11.10 -1.62 15.94
C TYR B 120 11.03 -1.65 14.42
N VAL B 121 10.15 -0.83 13.85
CA VAL B 121 9.92 -0.83 12.38
C VAL B 121 11.28 -0.58 11.68
N TYR B 122 12.11 0.33 12.19
CA TYR B 122 13.40 0.62 11.60
C TYR B 122 14.60 -0.11 12.25
N GLY B 123 14.34 -1.12 13.10
CA GLY B 123 15.39 -1.97 13.65
C GLY B 123 15.37 -1.87 15.20
N ILE B 124 16.19 -2.66 15.85
CA ILE B 124 16.26 -2.55 17.32
C ILE B 124 16.63 -1.14 17.78
N GLY B 125 15.89 -0.57 18.72
CA GLY B 125 16.14 0.80 19.17
C GLY B 125 15.71 1.88 18.15
N GLY B 126 14.96 1.48 17.10
CA GLY B 126 14.55 2.41 16.04
C GLY B 126 15.65 2.53 15.00
N GLY B 127 16.77 1.80 15.19
CA GLY B 127 17.93 1.84 14.25
C GLY B 127 18.37 3.27 14.04
N THR B 128 18.61 3.63 12.78
CA THR B 128 18.92 5.03 12.44
C THR B 128 17.66 5.77 11.91
N GLY B 129 16.48 5.16 12.04
CA GLY B 129 15.25 5.85 11.60
C GLY B 129 14.97 5.63 10.13
N CYS B 130 14.11 6.44 9.55
CA CYS B 130 13.77 6.20 8.18
C CYS B 130 15.03 6.20 7.28
N PRO B 131 15.02 5.39 6.22
CA PRO B 131 16.13 5.37 5.29
C PRO B 131 16.33 6.77 4.70
N VAL B 132 15.26 7.57 4.49
CA VAL B 132 15.42 8.76 3.65
C VAL B 132 15.92 9.94 4.43
N HIS B 133 15.40 10.12 5.64
CA HIS B 133 15.82 11.24 6.41
C HIS B 133 16.65 10.89 7.67
N LYS B 134 16.91 9.59 7.88
CA LYS B 134 17.56 9.09 9.14
C LYS B 134 16.90 9.72 10.35
N ASP B 135 15.55 9.79 10.31
CA ASP B 135 14.80 10.42 11.38
C ASP B 135 13.90 9.33 12.04
N ARG B 136 14.17 8.96 13.31
CA ARG B 136 13.33 7.94 14.00
C ARG B 136 11.90 8.49 14.23
N SER B 137 11.75 9.81 14.30
CA SER B 137 10.44 10.48 14.37
C SER B 137 9.91 11.05 13.04
N CYS B 138 10.29 10.48 11.95
CA CYS B 138 9.89 11.01 10.65
C CYS B 138 8.35 10.98 10.49
N TYR B 139 7.72 12.14 10.18
CA TYR B 139 6.32 12.20 9.89
C TYR B 139 5.95 12.11 8.40
N ILE B 140 6.91 11.81 7.56
CA ILE B 140 6.74 11.88 6.16
C ILE B 140 6.79 10.49 5.61
N CYS B 141 7.75 9.72 6.06
CA CYS B 141 7.99 8.43 5.44
C CYS B 141 6.95 7.39 5.91
N HIS B 142 6.65 6.44 5.04
CA HIS B 142 5.57 5.49 5.27
C HIS B 142 6.16 4.33 6.07
N ARG B 143 5.43 3.85 7.08
CA ARG B 143 5.93 2.74 7.89
C ARG B 143 5.04 1.54 7.70
N GLN B 144 5.52 0.32 8.00
CA GLN B 144 4.55 -0.78 7.99
C GLN B 144 4.62 -1.59 9.27
N LEU B 145 3.48 -2.10 9.77
CA LEU B 145 3.45 -3.01 10.95
C LEU B 145 2.62 -4.19 10.52
N LEU B 146 2.81 -5.33 11.15
CA LEU B 146 1.91 -6.46 10.96
C LEU B 146 0.99 -6.64 12.14
N PHE B 147 -0.24 -7.02 11.90
CA PHE B 147 -1.10 -7.39 12.99
C PHE B 147 -1.36 -8.86 12.82
N CYS B 148 -0.92 -9.69 13.81
CA CYS B 148 -0.67 -11.12 13.56
C CYS B 148 -1.48 -11.98 14.44
N ARG B 149 -1.87 -13.13 13.94
CA ARG B 149 -2.51 -14.13 14.79
C ARG B 149 -1.38 -14.91 15.46
N VAL B 150 -1.40 -15.01 16.79
CA VAL B 150 -0.30 -15.67 17.54
C VAL B 150 -0.88 -16.67 18.54
N THR B 151 -0.43 -17.94 18.41
CA THR B 151 -0.76 -19.04 19.32
C THR B 151 0.21 -19.02 20.54
N LEU B 152 -0.33 -18.72 21.73
CA LEU B 152 0.53 -18.61 22.92
C LEU B 152 0.59 -19.93 23.66
N GLY B 153 -0.46 -20.73 23.52
CA GLY B 153 -0.49 -22.02 24.24
C GLY B 153 -0.39 -21.79 25.74
N LYS B 154 0.35 -22.68 26.43
CA LYS B 154 0.59 -22.45 27.86
C LYS B 154 1.70 -21.40 27.99
N SER B 155 1.43 -20.23 28.54
CA SER B 155 2.39 -19.15 28.49
C SER B 155 2.98 -18.91 29.87
N PHE B 156 4.28 -18.70 29.95
CA PHE B 156 4.95 -18.44 31.22
C PHE B 156 4.87 -16.94 31.54
N LEU B 157 4.28 -16.59 32.70
CA LEU B 157 4.15 -15.22 33.08
C LEU B 157 5.41 -14.69 33.73
N GLN B 158 6.02 -13.73 33.08
CA GLN B 158 7.26 -13.11 33.53
C GLN B 158 6.93 -11.63 33.81
N PHE B 159 7.12 -11.14 35.02
CA PHE B 159 6.90 -9.71 35.27
C PHE B 159 8.17 -9.01 34.97
N SER B 160 8.07 -7.83 34.40
CA SER B 160 9.31 -7.19 34.13
C SER B 160 9.25 -5.89 34.85
N ALA B 161 10.40 -5.22 34.99
CA ALA B 161 10.47 -4.06 35.84
C ALA B 161 10.23 -2.76 35.04
N MET B 162 9.80 -2.86 33.77
CA MET B 162 9.41 -1.69 32.95
C MET B 162 7.98 -1.17 33.23
N ALA B 165 16.51 -19.79 21.41
CA ALA B 165 16.35 -20.69 22.55
C ALA B 165 14.97 -21.34 22.52
N HIS B 166 14.64 -22.05 23.60
CA HIS B 166 13.35 -22.73 23.70
C HIS B 166 12.54 -22.08 24.81
N SER B 167 11.24 -22.34 24.81
CA SER B 167 10.34 -21.76 25.81
C SER B 167 10.62 -22.43 27.13
N PRO B 168 10.24 -21.78 28.25
CA PRO B 168 10.46 -22.49 29.52
C PRO B 168 9.88 -23.90 29.38
N PRO B 169 10.58 -24.95 29.91
CA PRO B 169 9.96 -26.27 29.92
C PRO B 169 8.44 -26.28 30.28
N GLY B 170 7.69 -27.04 29.49
CA GLY B 170 6.25 -27.12 29.61
C GLY B 170 5.52 -25.86 29.13
N HIS B 171 6.19 -24.92 28.45
CA HIS B 171 5.48 -23.68 28.05
C HIS B 171 5.65 -23.45 26.54
N HIS B 172 4.68 -22.79 25.89
CA HIS B 172 4.69 -22.56 24.43
C HIS B 172 5.09 -21.12 24.13
N SER B 173 5.18 -20.30 25.18
CA SER B 173 5.46 -18.90 24.99
C SER B 173 5.76 -18.26 26.34
N VAL B 174 6.17 -17.02 26.31
CA VAL B 174 6.36 -16.19 27.51
C VAL B 174 5.49 -14.96 27.38
N THR B 175 4.76 -14.62 28.45
CA THR B 175 4.01 -13.39 28.56
C THR B 175 4.82 -12.43 29.43
N GLY B 176 5.28 -11.30 28.84
CA GLY B 176 6.15 -10.33 29.49
C GLY B 176 5.29 -9.16 29.98
N ARG B 177 5.20 -8.96 31.30
CA ARG B 177 4.20 -8.08 31.78
C ARG B 177 4.83 -6.97 32.61
N PRO B 178 4.72 -5.72 32.16
CA PRO B 178 5.35 -4.54 32.78
C PRO B 178 4.78 -4.31 34.18
N SER B 179 5.62 -4.43 35.18
CA SER B 179 5.14 -4.30 36.57
C SER B 179 5.18 -2.82 37.08
N VAL B 180 5.97 -1.97 36.44
CA VAL B 180 6.22 -0.58 36.85
C VAL B 180 5.29 0.39 36.09
N ASN B 181 5.13 0.19 34.81
CA ASN B 181 4.20 1.05 34.10
C ASN B 181 2.87 0.30 33.95
N GLY B 182 1.90 0.61 34.80
CA GLY B 182 0.58 0.00 34.67
C GLY B 182 -0.25 0.39 33.40
N LEU B 183 0.18 1.43 32.70
CA LEU B 183 -0.38 1.80 31.36
C LEU B 183 0.20 0.96 30.21
N ALA B 184 1.33 0.30 30.44
CA ALA B 184 2.04 -0.40 29.41
C ALA B 184 1.34 -1.76 29.30
N LEU B 185 1.05 -2.14 28.04
CA LEU B 185 0.42 -3.50 27.89
C LEU B 185 1.47 -4.59 27.80
N ALA B 186 1.03 -5.82 27.61
CA ALA B 186 1.95 -6.96 27.59
C ALA B 186 2.74 -7.16 26.27
N GLU B 187 3.87 -7.85 26.37
CA GLU B 187 4.59 -8.37 25.20
C GLU B 187 4.62 -9.88 25.31
N TYR B 188 4.88 -10.58 24.19
CA TYR B 188 4.80 -11.98 24.18
C TYR B 188 5.93 -12.50 23.27
N VAL B 189 6.49 -13.67 23.61
CA VAL B 189 7.57 -14.24 22.91
C VAL B 189 7.21 -15.63 22.55
N ILE B 190 7.43 -15.99 21.29
CA ILE B 190 7.24 -17.37 20.91
C ILE B 190 8.61 -17.83 20.33
N TYR B 191 8.79 -19.14 20.25
CA TYR B 191 10.08 -19.74 19.93
C TYR B 191 10.01 -20.50 18.59
N ARG B 192 8.85 -20.65 18.00
CA ARG B 192 8.72 -21.36 16.74
C ARG B 192 8.00 -20.41 15.79
N GLY B 193 8.57 -20.17 14.60
CA GLY B 193 7.99 -19.16 13.64
C GLY B 193 6.59 -19.59 13.22
N GLU B 194 6.32 -20.90 13.24
CA GLU B 194 4.99 -21.37 12.80
C GLU B 194 3.86 -21.06 13.80
N GLN B 195 4.17 -20.52 14.99
CA GLN B 195 3.08 -20.13 15.95
C GLN B 195 2.62 -18.75 15.74
N ALA B 196 3.01 -18.10 14.61
CA ALA B 196 2.40 -16.81 14.28
C ALA B 196 2.01 -16.70 12.79
N TYR B 197 0.97 -15.94 12.50
CA TYR B 197 0.64 -15.74 11.06
C TYR B 197 0.39 -14.29 10.82
N PRO B 198 1.03 -13.71 9.79
CA PRO B 198 0.93 -12.27 9.65
C PRO B 198 -0.34 -11.93 8.90
N GLU B 199 -1.42 -11.81 9.62
CA GLU B 199 -2.73 -11.65 9.02
C GLU B 199 -2.97 -10.36 8.32
N TYR B 200 -2.53 -9.24 8.89
CA TYR B 200 -2.73 -7.97 8.22
C TYR B 200 -1.45 -7.18 8.16
N LEU B 201 -1.25 -6.51 7.03
CA LEU B 201 -0.13 -5.57 6.80
C LEU B 201 -0.70 -4.16 6.83
N ILE B 202 -0.21 -3.29 7.76
CA ILE B 202 -0.77 -1.94 7.92
C ILE B 202 0.30 -0.96 7.51
N THR B 203 -0.07 -0.04 6.58
CA THR B 203 0.85 0.99 6.08
C THR B 203 0.36 2.29 6.66
N TYR B 204 1.23 3.11 7.25
CA TYR B 204 0.80 4.24 8.06
C TYR B 204 1.93 5.30 8.20
N GLN B 205 1.58 6.48 8.64
CA GLN B 205 2.58 7.46 9.15
C GLN B 205 2.27 7.74 10.61
N ILE B 206 3.29 8.05 11.43
CA ILE B 206 2.96 8.60 12.71
C ILE B 206 2.55 10.09 12.49
N MET B 207 1.70 10.65 13.36
CA MET B 207 1.32 12.05 13.22
C MET B 207 1.99 12.99 14.24
N ARG B 208 2.50 14.13 13.75
CA ARG B 208 3.04 15.19 14.68
C ARG B 208 1.93 15.65 15.56
N PRO B 209 2.13 15.61 16.90
CA PRO B 209 1.09 16.14 17.76
C PRO B 209 0.84 17.64 17.47
N GLU B 210 -0.39 18.07 17.72
CA GLU B 210 -0.74 19.46 17.56
C GLU B 210 -0.59 20.18 18.89
ZN ZN C . -17.52 -8.65 -18.51
S SO4 D . 0.40 -3.45 -6.35
O1 SO4 D . 1.50 -4.32 -6.85
O2 SO4 D . 0.44 -2.18 -6.99
O3 SO4 D . -0.87 -4.09 -6.65
O4 SO4 D . 0.20 -3.34 -4.90
S SO4 E . 0.63 -14.70 -22.20
O1 SO4 E . 0.35 -16.16 -22.46
O2 SO4 E . 1.76 -14.14 -23.01
O3 SO4 E . -0.57 -13.81 -22.50
O4 SO4 E . 1.00 -14.57 -20.77
C4 AJ8 F . -5.41 5.43 -11.90
C8 AJ8 F . -7.19 5.92 -10.37
C10 AJ8 F . -8.99 6.47 -8.87
C13 AJ8 F . -12.03 8.09 -7.34
C15 AJ8 F . -14.44 7.45 -7.40
C21 AJ8 F . -8.13 6.35 -7.75
C22 AJ8 F . -6.83 5.99 -7.95
C1 AJ8 F . -4.00 5.22 -8.36
C2 AJ8 F . -4.91 5.42 -9.54
C3 AJ8 F . -4.41 5.25 -10.80
O5 AJ8 F . -5.08 5.27 -13.10
N6 AJ8 F . -6.68 5.73 -11.66
C9 AJ8 F . -8.53 6.26 -10.16
C11 AJ8 F . -10.42 6.78 -8.55
C12 AJ8 F . -10.72 7.87 -7.70
C14 AJ8 F . -13.04 7.22 -7.81
O16 AJ8 F . -15.35 6.74 -7.41
O17 AJ8 F . -14.91 8.50 -6.93
C18 AJ8 F . -12.80 6.15 -8.63
C19 AJ8 F . -11.46 5.93 -8.96
CL AJ8 F . -11.27 4.61 -10.02
C23 AJ8 F . -6.32 5.75 -9.26
ZN ZN G . 11.70 10.08 6.48
S SO4 H . 8.93 1.77 27.10
O1 SO4 H . 8.03 2.77 27.71
O2 SO4 H . 8.29 0.55 26.68
O3 SO4 H . 9.46 2.29 25.88
O4 SO4 H . 10.12 1.39 27.83
S SO4 I . -2.76 14.93 18.44
O1 SO4 I . -2.69 16.40 18.19
O2 SO4 I . -4.10 14.45 18.70
O3 SO4 I . -2.25 14.27 17.17
O4 SO4 I . -1.90 14.63 19.62
C4 AJ8 J . 8.14 -5.92 17.86
C8 AJ8 J . 10.40 -6.54 17.46
C10 AJ8 J . 12.65 -7.17 16.96
C13 AJ8 J . 15.60 -8.96 15.50
C15 AJ8 J . 17.17 -8.29 13.67
C21 AJ8 J . 12.95 -7.25 18.39
C22 AJ8 J . 11.97 -6.98 19.29
C1 AJ8 J . 9.83 -6.28 21.34
C2 AJ8 J . 9.60 -6.26 19.78
C3 AJ8 J . 8.36 -5.96 19.29
O5 AJ8 J . 7.03 -5.69 17.37
N6 AJ8 J . 9.14 -6.17 17.02
C9 AJ8 J . 11.40 -6.82 16.50
C11 AJ8 J . 13.80 -7.47 16.06
C12 AJ8 J . 14.49 -8.68 16.30
C14 AJ8 J . 16.00 -8.02 14.52
O16 AJ8 J . 17.70 -9.33 13.51
O17 AJ8 J . 17.78 -7.33 13.04
C18 AJ8 J . 15.33 -6.80 14.27
C19 AJ8 J . 14.21 -6.55 15.06
CL AJ8 J . 13.42 -5.03 14.75
C23 AJ8 J . 10.67 -6.60 18.86
C1 GOL K . 11.43 -12.02 12.53
O1 GOL K . 11.93 -13.08 13.38
C2 GOL K . 11.27 -10.81 13.45
O2 GOL K . 11.07 -9.54 12.73
C3 GOL K . 12.44 -10.71 14.46
O3 GOL K . 12.47 -11.71 15.53
#